data_5QPR
#
_entry.id   5QPR
#
_cell.length_a   58.204
_cell.length_b   58.204
_cell.length_c   397.613
_cell.angle_alpha   90.000
_cell.angle_beta   90.000
_cell.angle_gamma   120.000
#
_symmetry.space_group_name_H-M   'P 61 2 2'
#
loop_
_entity.id
_entity.type
_entity.pdbx_description
1 polymer 'Farnesyl diphosphate synthase'
2 non-polymer 'SULFATE ION'
3 non-polymer 'ACETATE ION'
4 non-polymer 'ZINC ION'
5 non-polymer 1-phenylmethoxyurea
6 water water
#
_entity_poly.entity_id   1
_entity_poly.type   'polypeptide(L)'
_entity_poly.pdbx_seq_one_letter_code
;GPMASMERFLSVYDEVQAFLLDQLQSKYEIDPNRARYLRIMMDTTCLGGKYFRGMTVVNVAEGFLAVTQHDEATKERILH
DACVGGWMIEFLQAHYLVEDDIMDGSVMRRGKPCWYRFPGVTTQCAINDGIILKSWTQIMAWHYFADRPFLKDLLCLFQK
VDYATAVGQMYDVTSMCDSNKLDPEVAQPMTTDFAEFTPAIYKRIVKYKTTFYTYLLPLVMGLLVSEAAASVEMNLVERV
AHLIGEYFQVQDDVMDCFTPPEQLGKVGTDIEDAKCSWLAVTFLGKANAAQVAEFKANYGEKDPAKVAVVKRLYSKANLQ
ADFAAYEAEVVREVESLIEQLKVKSPTFAESVAVVWEKTHKRKK
;
_entity_poly.pdbx_strand_id   A
#
loop_
_chem_comp.id
_chem_comp.type
_chem_comp.name
_chem_comp.formula
ACT non-polymer 'ACETATE ION' 'C2 H3 O2 -1'
LVD non-polymer 1-phenylmethoxyurea 'C8 H10 N2 O2'
SO4 non-polymer 'SULFATE ION' 'O4 S -2'
ZN non-polymer 'ZINC ION' 'Zn 2'
#
# COMPACT_ATOMS: atom_id res chain seq x y z
N MET A 3 16.56 -23.06 -3.48
CA MET A 3 15.14 -22.82 -3.03
C MET A 3 14.49 -21.68 -3.83
N ALA A 4 13.29 -21.90 -4.39
CA ALA A 4 12.54 -20.80 -5.04
C ALA A 4 12.12 -19.78 -3.99
N SER A 5 12.03 -18.54 -4.46
CA SER A 5 11.85 -17.36 -3.63
C SER A 5 10.59 -17.37 -2.82
N MET A 6 9.48 -17.65 -3.50
CA MET A 6 8.18 -17.74 -2.82
C MET A 6 8.13 -18.84 -1.79
N GLU A 7 8.71 -20.02 -2.03
CA GLU A 7 8.65 -21.08 -1.02
C GLU A 7 9.50 -20.68 0.19
N ARG A 8 10.64 -20.00 -0.03
CA ARG A 8 11.40 -19.47 1.12
C ARG A 8 10.57 -18.45 1.93
N PHE A 9 9.93 -17.56 1.22
CA PHE A 9 9.15 -16.49 1.81
C PHE A 9 8.06 -17.06 2.69
N LEU A 10 7.34 -17.99 2.09
CA LEU A 10 6.24 -18.69 2.84
C LEU A 10 6.68 -19.48 4.05
N SER A 11 7.85 -20.15 3.93
CA SER A 11 8.39 -20.86 5.04
C SER A 11 8.73 -19.96 6.20
N VAL A 12 9.29 -18.80 5.90
CA VAL A 12 9.69 -17.85 6.93
C VAL A 12 8.42 -17.30 7.61
N TYR A 13 7.29 -17.23 6.90
CA TYR A 13 6.04 -16.84 7.60
C TYR A 13 5.79 -17.85 8.73
N ASP A 14 5.88 -19.15 8.46
CA ASP A 14 5.57 -20.10 9.51
C ASP A 14 6.55 -19.98 10.72
N GLU A 15 7.83 -19.71 10.42
CA GLU A 15 8.81 -19.59 11.40
C GLU A 15 8.54 -18.34 12.30
N VAL A 16 8.25 -17.22 11.64
CA VAL A 16 7.93 -15.98 12.37
C VAL A 16 6.65 -16.09 13.23
N GLN A 17 5.63 -16.71 12.65
CA GLN A 17 4.41 -16.96 13.40
C GLN A 17 4.67 -17.75 14.69
N ALA A 18 5.40 -18.87 14.55
CA ALA A 18 5.72 -19.71 15.66
C ALA A 18 6.55 -18.96 16.72
N PHE A 19 7.52 -18.13 16.28
CA PHE A 19 8.28 -17.33 17.16
C PHE A 19 7.37 -16.35 17.96
N LEU A 20 6.49 -15.66 17.24
CA LEU A 20 5.68 -14.67 17.90
C LEU A 20 4.72 -15.30 18.90
N LEU A 21 4.07 -16.39 18.49
CA LEU A 21 3.10 -17.06 19.42
C LEU A 21 3.81 -17.77 20.58
N ASP A 22 4.95 -18.44 20.30
CA ASP A 22 5.77 -19.03 21.39
C ASP A 22 6.19 -17.99 22.45
N GLN A 23 6.61 -16.79 22.03
CA GLN A 23 6.94 -15.70 22.90
C GLN A 23 5.76 -15.22 23.68
N LEU A 24 4.59 -15.15 23.05
CA LEU A 24 3.39 -14.77 23.81
C LEU A 24 3.19 -15.71 25.03
N GLN A 25 3.42 -17.00 24.83
CA GLN A 25 3.29 -17.97 25.92
C GLN A 25 4.42 -17.88 26.93
N SER A 26 5.65 -17.81 26.48
CA SER A 26 6.77 -17.79 27.43
C SER A 26 7.03 -16.50 28.17
N LYS A 27 6.63 -15.36 27.60
CA LYS A 27 6.99 -14.04 28.11
C LYS A 27 5.78 -13.15 28.48
N TYR A 28 4.62 -13.42 27.87
CA TYR A 28 3.44 -12.54 28.05
C TYR A 28 2.21 -13.27 28.64
N GLU A 29 2.42 -14.49 29.12
CA GLU A 29 1.44 -15.21 29.93
C GLU A 29 0.18 -15.59 29.18
N ILE A 30 0.27 -15.68 27.84
CA ILE A 30 -0.95 -16.05 27.09
C ILE A 30 -1.34 -17.46 27.31
N ASP A 31 -2.64 -17.69 27.16
CA ASP A 31 -3.22 -19.01 27.24
C ASP A 31 -3.43 -19.56 25.84
N PRO A 32 -3.59 -20.88 25.68
CA PRO A 32 -3.70 -21.47 24.36
C PRO A 32 -4.88 -20.98 23.51
N ASN A 33 -6.01 -20.66 24.09
CA ASN A 33 -7.12 -20.24 23.31
C ASN A 33 -6.96 -18.81 22.69
N ARG A 34 -6.33 -17.96 23.47
CA ARG A 34 -6.07 -16.60 22.96
C ARG A 34 -4.96 -16.68 21.92
N ALA A 35 -3.95 -17.52 22.18
CA ALA A 35 -2.98 -17.80 21.10
C ALA A 35 -3.57 -18.27 19.81
N ARG A 36 -4.56 -19.18 19.89
CA ARG A 36 -5.22 -19.66 18.68
C ARG A 36 -6.00 -18.53 17.99
N TYR A 37 -6.70 -17.70 18.80
CA TYR A 37 -7.39 -16.52 18.25
C TYR A 37 -6.36 -15.60 17.45
N LEU A 38 -5.17 -15.40 17.99
CA LEU A 38 -4.20 -14.50 17.35
C LEU A 38 -3.54 -15.16 16.17
N ARG A 39 -3.39 -16.48 16.19
CA ARG A 39 -2.94 -17.24 15.01
C ARG A 39 -3.87 -17.11 13.85
N ILE A 40 -5.17 -17.34 14.14
CA ILE A 40 -6.18 -17.13 13.13
C ILE A 40 -6.29 -15.68 12.62
N MET A 41 -6.15 -14.70 13.51
CA MET A 41 -6.18 -13.32 13.09
C MET A 41 -5.00 -13.05 12.16
N MET A 42 -3.83 -13.50 12.55
CA MET A 42 -2.63 -13.31 11.70
C MET A 42 -2.81 -13.92 10.34
N ASP A 43 -3.21 -15.19 10.26
CA ASP A 43 -3.46 -15.79 8.97
C ASP A 43 -4.49 -15.06 8.12
N THR A 44 -5.61 -14.67 8.75
CA THR A 44 -6.68 -14.06 8.00
C THR A 44 -6.37 -12.70 7.44
N THR A 45 -5.55 -11.96 8.14
CA THR A 45 -5.22 -10.60 7.80
C THR A 45 -3.90 -10.45 7.02
N CYS A 46 -2.96 -11.41 7.14
CA CYS A 46 -1.69 -11.32 6.50
C CYS A 46 -1.49 -12.20 5.28
N LEU A 47 -2.30 -13.26 5.13
CA LEU A 47 -2.18 -14.17 4.04
C LEU A 47 -3.32 -13.99 3.03
N GLY A 48 -3.04 -14.45 1.83
CA GLY A 48 -4.01 -14.48 0.75
C GLY A 48 -3.84 -13.49 -0.36
N GLY A 49 -2.98 -12.49 -0.20
CA GLY A 49 -2.62 -11.60 -1.30
C GLY A 49 -1.50 -12.20 -2.17
N LYS A 50 -0.95 -11.36 -3.02
CA LYS A 50 0.09 -11.81 -3.98
C LYS A 50 1.52 -11.61 -3.34
N TYR A 51 1.60 -10.91 -2.21
CA TYR A 51 2.89 -10.70 -1.52
C TYR A 51 3.84 -9.86 -2.38
N PHE A 52 3.32 -9.00 -3.23
CA PHE A 52 4.15 -8.16 -4.03
C PHE A 52 5.18 -7.32 -3.16
N ARG A 53 4.72 -6.69 -2.08
CA ARG A 53 5.53 -5.82 -1.30
C ARG A 53 6.65 -6.65 -0.63
N GLY A 54 6.29 -7.74 0.02
CA GLY A 54 7.31 -8.54 0.75
C GLY A 54 8.24 -9.20 -0.25
N MET A 55 7.71 -9.75 -1.33
CA MET A 55 8.56 -10.41 -2.30
C MET A 55 9.57 -9.43 -2.99
N THR A 56 9.25 -8.14 -3.09
CA THR A 56 10.13 -7.14 -3.67
C THR A 56 11.43 -7.03 -2.82
N VAL A 57 11.31 -7.11 -1.52
CA VAL A 57 12.50 -7.10 -0.65
C VAL A 57 13.45 -8.27 -1.05
N VAL A 58 12.86 -9.44 -1.17
CA VAL A 58 13.56 -10.68 -1.53
C VAL A 58 14.14 -10.54 -2.90
N ASN A 59 13.38 -10.04 -3.87
CA ASN A 59 13.88 -9.92 -5.24
C ASN A 59 15.07 -8.95 -5.36
N VAL A 60 15.02 -7.83 -4.62
CA VAL A 60 16.13 -6.87 -4.60
C VAL A 60 17.36 -7.56 -4.03
N ALA A 61 17.15 -8.26 -2.91
CA ALA A 61 18.32 -8.93 -2.23
C ALA A 61 18.91 -10.03 -3.18
N GLU A 62 18.06 -10.78 -3.87
CA GLU A 62 18.54 -11.80 -4.84
C GLU A 62 19.43 -11.15 -5.94
N GLY A 63 19.05 -9.94 -6.40
CA GLY A 63 19.78 -9.19 -7.43
C GLY A 63 21.19 -8.97 -6.97
N PHE A 64 21.34 -8.47 -5.75
CA PHE A 64 22.65 -8.17 -5.26
C PHE A 64 23.45 -9.42 -4.98
N LEU A 65 22.81 -10.49 -4.58
CA LEU A 65 23.55 -11.75 -4.31
C LEU A 65 24.27 -12.26 -5.58
N ALA A 66 23.68 -12.03 -6.74
CA ALA A 66 24.20 -12.52 -8.00
C ALA A 66 25.48 -11.80 -8.36
N VAL A 67 25.74 -10.66 -7.76
CA VAL A 67 26.92 -9.85 -8.18
C VAL A 67 27.90 -9.55 -7.07
N THR A 68 27.70 -10.18 -5.90
CA THR A 68 28.50 -9.81 -4.73
C THR A 68 29.05 -11.11 -4.18
N GLN A 69 30.29 -11.10 -3.72
CA GLN A 69 30.89 -12.35 -3.22
C GLN A 69 30.56 -12.53 -1.74
N HIS A 70 30.16 -13.77 -1.40
CA HIS A 70 29.75 -14.12 -0.05
C HIS A 70 29.96 -15.61 0.19
N ASP A 71 30.15 -16.05 1.42
CA ASP A 71 30.10 -17.44 1.88
C ASP A 71 28.65 -17.83 1.74
N GLU A 72 28.40 -19.11 1.43
CA GLU A 72 27.02 -19.62 1.42
C GLU A 72 26.20 -19.25 2.65
N ALA A 73 26.75 -19.37 3.87
CA ALA A 73 25.99 -19.09 5.06
C ALA A 73 25.56 -17.62 5.08
N THR A 74 26.38 -16.76 4.47
CA THR A 74 26.03 -15.30 4.40
C THR A 74 24.87 -15.11 3.40
N LYS A 75 24.95 -15.80 2.26
CA LYS A 75 23.85 -15.80 1.27
C LYS A 75 22.55 -16.20 1.99
N GLU A 76 22.60 -17.24 2.78
CA GLU A 76 21.36 -17.71 3.45
C GLU A 76 20.87 -16.70 4.47
N ARG A 77 21.79 -16.07 5.21
CA ARG A 77 21.39 -15.10 6.22
C ARG A 77 20.73 -13.87 5.56
N ILE A 78 21.31 -13.38 4.47
CA ILE A 78 20.77 -12.21 3.69
C ILE A 78 19.36 -12.57 3.23
N LEU A 79 19.20 -13.76 2.63
CA LEU A 79 17.87 -14.13 2.12
C LEU A 79 16.89 -14.27 3.29
N HIS A 80 17.33 -14.78 4.42
CA HIS A 80 16.43 -14.93 5.58
C HIS A 80 16.06 -13.56 6.10
N ASP A 81 17.02 -12.63 6.10
CA ASP A 81 16.73 -11.26 6.53
C ASP A 81 15.75 -10.56 5.56
N ALA A 82 15.92 -10.76 4.27
CA ALA A 82 15.03 -10.17 3.27
C ALA A 82 13.59 -10.68 3.43
N CYS A 83 13.46 -11.97 3.74
CA CYS A 83 12.14 -12.56 4.05
C CYS A 83 11.48 -11.97 5.29
N VAL A 84 12.22 -11.86 6.40
CA VAL A 84 11.72 -11.25 7.59
C VAL A 84 11.31 -9.81 7.29
N GLY A 85 12.17 -9.06 6.63
CA GLY A 85 11.88 -7.66 6.27
C GLY A 85 10.62 -7.56 5.42
N GLY A 86 10.48 -8.46 4.46
CA GLY A 86 9.31 -8.43 3.59
C GLY A 86 8.05 -8.74 4.43
N TRP A 87 8.12 -9.66 5.39
CA TRP A 87 6.96 -9.84 6.31
C TRP A 87 6.67 -8.68 7.18
N MET A 88 7.68 -7.94 7.62
CA MET A 88 7.41 -6.71 8.36
C MET A 88 6.47 -5.84 7.50
N ILE A 89 6.74 -5.69 6.22
CA ILE A 89 5.96 -4.83 5.33
C ILE A 89 4.55 -5.40 5.13
N GLU A 90 4.48 -6.70 4.97
CA GLU A 90 3.16 -7.35 4.77
C GLU A 90 2.30 -7.18 6.04
N PHE A 91 2.88 -7.31 7.24
CA PHE A 91 2.13 -7.10 8.50
C PHE A 91 1.77 -5.61 8.66
N LEU A 92 2.62 -4.71 8.18
CA LEU A 92 2.32 -3.28 8.24
C LEU A 92 1.07 -2.97 7.36
N GLN A 93 1.05 -3.56 6.20
CA GLN A 93 -0.08 -3.39 5.29
C GLN A 93 -1.29 -4.01 5.96
N ALA A 94 -1.14 -5.16 6.57
CA ALA A 94 -2.27 -5.82 7.32
C ALA A 94 -2.91 -4.91 8.36
N HIS A 95 -2.07 -4.21 9.13
CA HIS A 95 -2.48 -3.18 10.13
C HIS A 95 -3.35 -2.14 9.42
N TYR A 96 -2.83 -1.52 8.37
N TYR A 96 -2.80 -1.54 8.34
CA TYR A 96 -3.58 -0.47 7.69
CA TYR A 96 -3.51 -0.54 7.50
C TYR A 96 -4.88 -0.96 7.02
C TYR A 96 -4.87 -0.99 7.08
N LEU A 97 -4.93 -2.19 6.49
CA LEU A 97 -6.17 -2.76 5.91
C LEU A 97 -7.24 -3.01 6.95
N VAL A 98 -6.86 -3.60 8.09
CA VAL A 98 -7.81 -3.83 9.20
C VAL A 98 -8.37 -2.46 9.66
N GLU A 99 -7.51 -1.52 9.95
CA GLU A 99 -8.00 -0.26 10.53
C GLU A 99 -8.80 0.57 9.46
N ASP A 100 -8.34 0.62 8.23
CA ASP A 100 -9.04 1.34 7.16
C ASP A 100 -10.41 0.76 6.91
N ASP A 101 -10.49 -0.55 6.93
CA ASP A 101 -11.81 -1.22 6.69
C ASP A 101 -12.77 -0.80 7.78
N ILE A 102 -12.34 -0.72 9.04
CA ILE A 102 -13.17 -0.23 10.10
C ILE A 102 -13.48 1.23 9.91
N MET A 103 -12.46 2.07 9.63
CA MET A 103 -12.68 3.52 9.45
C MET A 103 -13.74 3.80 8.35
N ASP A 104 -13.65 3.05 7.24
CA ASP A 104 -14.44 3.36 6.02
C ASP A 104 -15.74 2.58 6.02
N GLY A 105 -16.00 1.76 7.01
CA GLY A 105 -17.16 0.87 7.05
C GLY A 105 -17.22 -0.06 5.89
N SER A 106 -16.06 -0.57 5.44
CA SER A 106 -16.01 -1.55 4.37
C SER A 106 -16.63 -2.85 4.74
N VAL A 107 -17.12 -3.55 3.72
CA VAL A 107 -17.84 -4.79 3.85
C VAL A 107 -17.03 -6.02 3.50
N MET A 108 -16.35 -5.97 2.35
CA MET A 108 -15.54 -7.07 1.86
C MET A 108 -14.15 -6.56 1.51
N ARG A 109 -13.21 -7.49 1.51
CA ARG A 109 -11.89 -7.26 0.95
C ARG A 109 -11.43 -8.57 0.32
N ARG A 110 -11.09 -8.57 -0.98
CA ARG A 110 -10.55 -9.82 -1.63
C ARG A 110 -11.62 -10.92 -1.57
N GLY A 111 -12.87 -10.63 -1.89
CA GLY A 111 -13.88 -11.69 -1.87
C GLY A 111 -14.29 -12.22 -0.49
N LYS A 112 -13.77 -11.66 0.64
CA LYS A 112 -14.10 -12.18 1.99
C LYS A 112 -14.49 -11.02 2.91
N PRO A 113 -15.22 -11.30 3.99
CA PRO A 113 -15.66 -10.21 4.87
C PRO A 113 -14.41 -9.51 5.47
N CYS A 114 -14.54 -8.22 5.67
CA CYS A 114 -13.48 -7.51 6.41
C CYS A 114 -13.36 -8.13 7.80
N TRP A 115 -12.14 -8.15 8.38
CA TRP A 115 -11.93 -8.76 9.66
C TRP A 115 -12.89 -8.38 10.78
N TYR A 116 -13.16 -7.09 10.92
CA TYR A 116 -13.99 -6.61 11.98
C TYR A 116 -15.42 -7.19 11.90
N ARG A 117 -15.82 -7.63 10.71
CA ARG A 117 -17.19 -8.17 10.48
C ARG A 117 -17.31 -9.65 10.79
N PHE A 118 -16.20 -10.34 11.08
CA PHE A 118 -16.27 -11.71 11.50
C PHE A 118 -17.10 -11.85 12.79
N PRO A 119 -17.95 -12.87 12.90
CA PRO A 119 -18.87 -12.84 14.04
C PRO A 119 -18.27 -12.79 15.46
N GLY A 120 -17.11 -13.45 15.68
CA GLY A 120 -16.46 -13.51 16.99
C GLY A 120 -15.30 -12.51 17.09
N VAL A 121 -15.23 -11.56 16.19
CA VAL A 121 -14.25 -10.45 16.25
C VAL A 121 -14.89 -9.18 16.82
N THR A 122 -15.67 -8.50 15.98
CA THR A 122 -16.30 -7.24 16.25
C THR A 122 -15.29 -6.07 16.30
N THR A 123 -15.79 -4.85 16.20
CA THR A 123 -14.93 -3.67 16.11
C THR A 123 -14.11 -3.56 17.39
N GLN A 124 -14.69 -3.88 18.53
CA GLN A 124 -14.04 -3.73 19.80
C GLN A 124 -12.72 -4.54 19.80
N CYS A 125 -12.72 -5.76 19.29
CA CYS A 125 -11.48 -6.51 19.21
C CYS A 125 -10.63 -6.10 18.01
N ALA A 126 -11.26 -5.82 16.86
CA ALA A 126 -10.53 -5.68 15.61
C ALA A 126 -9.62 -4.42 15.64
N ILE A 127 -10.04 -3.34 16.27
CA ILE A 127 -9.15 -2.12 16.38
C ILE A 127 -7.84 -2.57 17.07
N ASN A 128 -7.99 -3.30 18.17
CA ASN A 128 -6.79 -3.79 18.91
C ASN A 128 -6.03 -4.80 18.14
N ASP A 129 -6.67 -5.70 17.47
CA ASP A 129 -5.94 -6.68 16.60
C ASP A 129 -5.03 -5.97 15.55
N GLY A 130 -5.57 -4.88 14.99
CA GLY A 130 -4.84 -4.08 14.08
C GLY A 130 -3.60 -3.46 14.72
N ILE A 131 -3.75 -2.95 15.93
CA ILE A 131 -2.63 -2.43 16.75
C ILE A 131 -1.55 -3.52 16.91
N ILE A 132 -2.00 -4.70 17.32
CA ILE A 132 -1.09 -5.83 17.48
C ILE A 132 -0.32 -6.12 16.20
N LEU A 133 -0.99 -6.21 15.03
CA LEU A 133 -0.33 -6.39 13.74
C LEU A 133 0.89 -5.51 13.56
N LYS A 134 0.72 -4.23 13.92
CA LYS A 134 1.86 -3.34 13.67
C LYS A 134 2.91 -3.60 14.78
N SER A 135 2.48 -3.93 15.97
CA SER A 135 3.49 -4.20 17.05
C SER A 135 4.36 -5.39 16.68
N TRP A 136 3.80 -6.40 16.06
CA TRP A 136 4.51 -7.56 15.65
C TRP A 136 5.66 -7.24 14.62
N THR A 137 5.49 -6.19 13.78
CA THR A 137 6.57 -5.78 12.88
C THR A 137 7.79 -5.42 13.71
N GLN A 138 7.58 -4.69 14.81
CA GLN A 138 8.68 -4.30 15.67
C GLN A 138 9.34 -5.47 16.42
N ILE A 139 8.49 -6.40 16.89
CA ILE A 139 8.99 -7.54 17.56
C ILE A 139 9.87 -8.30 16.61
N MET A 140 9.44 -8.52 15.36
CA MET A 140 10.29 -9.17 14.35
C MET A 140 11.62 -8.52 14.19
N ALA A 141 11.66 -7.21 14.05
CA ALA A 141 12.91 -6.50 13.73
C ALA A 141 13.90 -6.63 14.95
N TRP A 142 13.41 -6.38 16.14
CA TRP A 142 14.26 -6.41 17.36
C TRP A 142 14.74 -7.83 17.61
N HIS A 143 13.95 -8.87 17.26
CA HIS A 143 14.46 -10.20 17.44
C HIS A 143 15.42 -10.62 16.35
N TYR A 144 14.98 -10.61 15.10
CA TYR A 144 15.76 -11.19 13.98
C TYR A 144 16.94 -10.31 13.62
N PHE A 145 16.86 -9.00 13.85
CA PHE A 145 17.96 -8.09 13.44
C PHE A 145 18.76 -7.49 14.59
N ALA A 146 18.66 -8.14 15.77
CA ALA A 146 19.30 -7.62 17.02
C ALA A 146 20.74 -7.30 16.81
N ASP A 147 21.44 -8.15 16.13
CA ASP A 147 22.90 -7.77 16.06
C ASP A 147 23.31 -7.20 14.69
N ARG A 148 22.34 -6.72 13.88
CA ARG A 148 22.66 -6.40 12.50
C ARG A 148 23.09 -4.99 12.39
N PRO A 149 24.06 -4.71 11.51
CA PRO A 149 24.55 -3.34 11.34
C PRO A 149 23.47 -2.35 10.83
N PHE A 150 22.46 -2.87 10.14
CA PHE A 150 21.42 -2.05 9.52
C PHE A 150 20.21 -1.85 10.40
N LEU A 151 20.23 -2.37 11.65
CA LEU A 151 19.03 -2.28 12.54
C LEU A 151 18.59 -0.88 12.72
N LYS A 152 19.50 0.03 13.08
CA LYS A 152 19.12 1.43 13.27
C LYS A 152 18.43 2.03 12.02
N ASP A 153 19.09 1.92 10.88
CA ASP A 153 18.60 2.50 9.62
C ASP A 153 17.26 1.94 9.19
N LEU A 154 17.11 0.65 9.45
CA LEU A 154 15.87 -0.10 9.10
C LEU A 154 14.77 0.40 10.00
N LEU A 155 14.97 0.46 11.30
CA LEU A 155 13.89 0.99 12.21
C LEU A 155 13.53 2.41 11.86
N CYS A 156 14.55 3.28 11.59
CA CYS A 156 14.35 4.73 11.33
C CYS A 156 13.49 4.92 9.97
N LEU A 157 13.78 4.10 8.97
CA LEU A 157 13.11 4.13 7.67
C LEU A 157 11.63 3.67 7.91
N PHE A 158 11.50 2.52 8.61
CA PHE A 158 10.18 1.95 8.87
C PHE A 158 9.28 2.93 9.54
N GLN A 159 9.79 3.67 10.50
N GLN A 159 9.80 3.67 10.52
CA GLN A 159 8.93 4.56 11.27
CA GLN A 159 9.04 4.67 11.31
C GLN A 159 8.52 5.79 10.44
C GLN A 159 8.50 5.73 10.36
N LYS A 160 9.43 6.30 9.59
CA LYS A 160 9.03 7.42 8.67
C LYS A 160 7.95 7.00 7.64
N VAL A 161 8.09 5.77 7.11
CA VAL A 161 7.13 5.24 6.17
C VAL A 161 5.79 5.06 6.85
N ASP A 162 5.80 4.50 8.03
CA ASP A 162 4.55 4.33 8.79
C ASP A 162 3.87 5.67 9.05
N TYR A 163 4.63 6.65 9.50
CA TYR A 163 4.08 7.96 9.77
C TYR A 163 3.56 8.66 8.48
N ALA A 164 4.33 8.54 7.38
CA ALA A 164 3.86 9.07 6.04
C ALA A 164 2.50 8.46 5.68
N THR A 165 2.36 7.15 5.93
CA THR A 165 1.18 6.38 5.57
C THR A 165 -0.03 6.90 6.39
N ALA A 166 0.17 7.16 7.68
CA ALA A 166 -0.94 7.65 8.53
C ALA A 166 -1.35 9.04 8.10
N VAL A 167 -0.37 9.88 7.82
CA VAL A 167 -0.66 11.24 7.26
C VAL A 167 -1.42 11.15 5.90
N GLY A 168 -1.05 10.18 5.04
CA GLY A 168 -1.75 9.93 3.83
C GLY A 168 -3.20 9.50 4.04
N GLN A 169 -3.49 8.70 5.08
CA GLN A 169 -4.86 8.31 5.39
C GLN A 169 -5.60 9.60 5.77
N MET A 170 -5.01 10.44 6.57
CA MET A 170 -5.63 11.76 6.93
C MET A 170 -5.99 12.53 5.63
N TYR A 171 -5.05 12.63 4.67
CA TYR A 171 -5.32 13.36 3.37
C TYR A 171 -6.47 12.74 2.62
N ASP A 172 -6.58 11.41 2.68
CA ASP A 172 -7.53 10.65 1.96
C ASP A 172 -8.96 10.90 2.55
N VAL A 173 -9.10 10.77 3.81
CA VAL A 173 -10.42 10.72 4.46
C VAL A 173 -11.00 12.11 4.52
N THR A 174 -10.16 13.14 4.40
CA THR A 174 -10.58 14.56 4.40
C THR A 174 -10.61 15.17 2.99
N SER A 175 -10.54 14.36 1.95
CA SER A 175 -10.33 14.85 0.61
C SER A 175 -11.60 15.47 -0.04
N MET A 176 -12.74 15.12 0.53
CA MET A 176 -14.00 15.68 0.10
C MET A 176 -14.52 16.81 0.91
N CYS A 177 -13.75 17.31 1.85
CA CYS A 177 -14.11 18.45 2.69
C CYS A 177 -13.40 19.69 2.18
N ASP A 178 -13.90 20.91 2.51
CA ASP A 178 -13.13 22.12 2.18
C ASP A 178 -12.14 22.33 3.25
N SER A 179 -10.87 22.48 2.90
CA SER A 179 -9.85 22.63 3.97
C SER A 179 -10.12 23.72 4.95
N ASN A 180 -10.59 24.89 4.47
CA ASN A 180 -10.74 26.01 5.37
C ASN A 180 -11.86 25.77 6.35
N LYS A 181 -12.70 24.78 6.10
CA LYS A 181 -13.78 24.37 7.05
C LYS A 181 -13.47 23.23 8.05
N LEU A 182 -12.30 22.58 7.96
CA LEU A 182 -11.89 21.56 8.94
C LEU A 182 -11.92 22.17 10.29
N ASP A 183 -12.58 21.46 11.22
CA ASP A 183 -12.80 21.94 12.54
C ASP A 183 -13.36 20.82 13.43
N PRO A 184 -12.61 20.36 14.46
CA PRO A 184 -13.11 19.27 15.30
C PRO A 184 -14.48 19.54 15.94
N GLU A 185 -14.78 20.80 16.12
CA GLU A 185 -16.04 21.17 16.76
C GLU A 185 -17.25 21.15 15.85
N VAL A 186 -17.08 21.07 14.54
CA VAL A 186 -18.21 21.25 13.57
C VAL A 186 -18.30 20.13 12.58
N ALA A 187 -19.48 19.53 12.49
CA ALA A 187 -19.66 18.44 11.53
C ALA A 187 -19.36 18.88 10.11
N GLN A 188 -18.65 18.00 9.41
CA GLN A 188 -18.00 18.40 8.18
C GLN A 188 -18.88 18.22 6.96
N PRO A 189 -19.20 19.32 6.24
CA PRO A 189 -20.01 19.19 5.03
C PRO A 189 -19.12 18.72 3.85
N MET A 190 -19.69 17.99 2.92
CA MET A 190 -19.04 17.67 1.66
C MET A 190 -18.77 19.02 0.93
N THR A 191 -17.66 19.09 0.16
CA THR A 191 -17.42 20.27 -0.69
C THR A 191 -18.58 20.43 -1.68
N THR A 192 -18.91 21.69 -1.98
CA THR A 192 -19.84 21.97 -3.11
C THR A 192 -19.13 22.44 -4.36
N ASP A 193 -18.02 23.17 -4.20
CA ASP A 193 -17.26 23.71 -5.37
C ASP A 193 -16.26 22.74 -6.03
N PHE A 194 -15.84 21.72 -5.26
CA PHE A 194 -14.80 20.78 -5.74
C PHE A 194 -13.55 21.48 -6.17
N ALA A 195 -13.23 22.61 -5.56
CA ALA A 195 -12.04 23.40 -5.93
C ALA A 195 -10.76 22.65 -5.61
N GLU A 196 -10.85 21.75 -4.64
CA GLU A 196 -9.70 21.01 -4.20
C GLU A 196 -9.54 19.68 -4.91
N PHE A 197 -10.31 19.40 -5.95
CA PHE A 197 -10.13 18.19 -6.73
C PHE A 197 -9.17 18.53 -7.90
N THR A 198 -7.85 18.67 -7.62
CA THR A 198 -6.88 19.08 -8.58
C THR A 198 -5.81 17.99 -8.69
N PRO A 199 -5.05 18.02 -9.81
CA PRO A 199 -3.98 17.05 -9.95
C PRO A 199 -2.96 17.08 -8.78
N ALA A 200 -2.56 18.26 -8.34
CA ALA A 200 -1.52 18.37 -7.33
C ALA A 200 -2.03 17.86 -5.99
N ILE A 201 -3.31 18.12 -5.69
CA ILE A 201 -3.91 17.65 -4.44
C ILE A 201 -4.12 16.14 -4.41
N TYR A 202 -4.63 15.62 -5.52
CA TYR A 202 -4.70 14.22 -5.75
C TYR A 202 -3.36 13.54 -5.61
N LYS A 203 -2.33 14.11 -6.22
CA LYS A 203 -0.97 13.53 -6.11
C LYS A 203 -0.52 13.47 -4.68
N ARG A 204 -0.79 14.49 -3.90
CA ARG A 204 -0.36 14.48 -2.44
C ARG A 204 -1.08 13.34 -1.69
N ILE A 205 -2.40 13.14 -1.90
CA ILE A 205 -3.09 12.06 -1.26
C ILE A 205 -2.43 10.72 -1.59
N VAL A 206 -2.17 10.46 -2.86
CA VAL A 206 -1.71 9.15 -3.24
C VAL A 206 -0.24 8.91 -2.84
N LYS A 207 0.56 9.96 -2.94
CA LYS A 207 1.99 9.85 -2.58
C LYS A 207 2.12 9.31 -1.12
N TYR A 208 1.37 9.93 -0.20
CA TYR A 208 1.42 9.60 1.24
C TYR A 208 0.65 8.35 1.58
N LYS A 209 -0.53 8.16 1.01
CA LYS A 209 -1.40 7.04 1.46
C LYS A 209 -0.90 5.63 1.07
N THR A 210 -0.21 5.52 -0.09
CA THR A 210 0.17 4.26 -0.67
C THR A 210 1.69 4.10 -1.05
N THR A 211 2.25 5.14 -1.62
CA THR A 211 3.55 4.91 -2.37
C THR A 211 4.70 4.62 -1.38
N PHE A 212 4.70 5.22 -0.23
CA PHE A 212 5.79 5.03 0.73
C PHE A 212 5.84 3.60 1.18
N TYR A 213 4.71 2.96 1.53
CA TYR A 213 4.75 1.59 2.02
C TYR A 213 4.68 0.50 0.94
N THR A 214 4.18 0.85 -0.26
CA THR A 214 4.04 -0.13 -1.29
C THR A 214 5.27 -0.24 -2.19
N TYR A 215 5.89 0.88 -2.45
CA TYR A 215 7.06 0.93 -3.32
C TYR A 215 8.36 1.40 -2.67
N LEU A 216 8.40 2.49 -1.92
CA LEU A 216 9.64 2.96 -1.37
C LEU A 216 10.22 1.93 -0.37
N LEU A 217 9.39 1.53 0.56
CA LEU A 217 9.84 0.65 1.66
C LEU A 217 10.37 -0.67 1.17
N PRO A 218 9.69 -1.39 0.26
CA PRO A 218 10.24 -2.69 -0.15
C PRO A 218 11.58 -2.49 -0.87
N LEU A 219 11.69 -1.47 -1.71
CA LEU A 219 12.98 -1.19 -2.41
C LEU A 219 14.12 -0.89 -1.43
N VAL A 220 13.94 0.06 -0.56
CA VAL A 220 14.95 0.49 0.39
C VAL A 220 15.25 -0.59 1.42
N MET A 221 14.21 -1.36 1.85
CA MET A 221 14.53 -2.49 2.76
C MET A 221 15.43 -3.55 2.06
N GLY A 222 15.18 -3.79 0.81
CA GLY A 222 16.04 -4.66 0.04
C GLY A 222 17.51 -4.15 0.00
N LEU A 223 17.67 -2.88 -0.24
CA LEU A 223 19.04 -2.26 -0.19
C LEU A 223 19.65 -2.42 1.24
N LEU A 224 18.87 -2.19 2.31
CA LEU A 224 19.43 -2.24 3.66
C LEU A 224 19.87 -3.63 4.08
N VAL A 225 19.08 -4.68 3.78
CA VAL A 225 19.45 -5.99 4.21
C VAL A 225 20.62 -6.51 3.38
N SER A 226 20.87 -5.89 2.25
CA SER A 226 21.96 -6.22 1.36
C SER A 226 23.20 -5.38 1.65
N GLU A 227 23.14 -4.40 2.59
CA GLU A 227 24.22 -3.47 2.81
C GLU A 227 24.66 -2.77 1.55
N ALA A 228 23.67 -2.37 0.74
CA ALA A 228 23.91 -1.88 -0.61
C ALA A 228 23.38 -0.44 -0.80
N ALA A 229 23.11 0.30 0.25
CA ALA A 229 22.55 1.66 0.01
C ALA A 229 23.54 2.51 -0.82
N ALA A 230 24.84 2.21 -0.79
CA ALA A 230 25.80 2.97 -1.65
C ALA A 230 25.72 2.70 -3.16
N SER A 231 25.00 1.67 -3.61
CA SER A 231 24.80 1.40 -5.00
C SER A 231 23.75 2.24 -5.63
N VAL A 232 23.15 3.21 -4.86
CA VAL A 232 22.11 4.07 -5.38
C VAL A 232 22.18 5.46 -4.89
N GLU A 233 21.52 6.30 -5.70
CA GLU A 233 21.27 7.68 -5.39
C GLU A 233 19.85 7.70 -4.82
N MET A 234 19.75 7.89 -3.52
CA MET A 234 18.47 7.71 -2.85
C MET A 234 17.42 8.68 -3.37
N ASN A 235 17.83 9.92 -3.81
CA ASN A 235 16.79 10.76 -4.47
C ASN A 235 16.12 10.12 -5.72
N LEU A 236 16.85 9.37 -6.53
CA LEU A 236 16.23 8.70 -7.61
C LEU A 236 15.30 7.60 -7.17
N VAL A 237 15.70 6.85 -6.12
CA VAL A 237 14.86 5.71 -5.70
C VAL A 237 13.53 6.28 -5.22
N GLU A 238 13.58 7.32 -4.47
CA GLU A 238 12.33 7.99 -3.99
C GLU A 238 11.45 8.50 -5.11
N ARG A 239 12.08 9.18 -6.07
CA ARG A 239 11.35 9.66 -7.28
C ARG A 239 10.65 8.56 -8.06
N VAL A 240 11.35 7.43 -8.32
CA VAL A 240 10.78 6.32 -9.07
C VAL A 240 9.69 5.60 -8.29
N ALA A 241 9.91 5.53 -6.97
CA ALA A 241 8.95 4.86 -6.10
C ALA A 241 7.60 5.63 -6.14
N HIS A 242 7.67 6.95 -6.03
CA HIS A 242 6.45 7.74 -5.98
C HIS A 242 5.75 7.73 -7.31
N LEU A 243 6.52 7.77 -8.40
CA LEU A 243 5.98 7.72 -9.72
C LEU A 243 5.24 6.41 -10.03
N ILE A 244 5.91 5.26 -9.81
CA ILE A 244 5.27 4.01 -9.98
C ILE A 244 4.05 3.86 -9.05
N GLY A 245 4.21 4.29 -7.81
CA GLY A 245 3.12 4.10 -6.89
C GLY A 245 1.89 4.97 -7.25
N GLU A 246 2.15 6.13 -7.82
CA GLU A 246 1.02 6.99 -8.30
C GLU A 246 0.21 6.29 -9.40
N TYR A 247 0.94 5.72 -10.36
CA TYR A 247 0.32 4.92 -11.44
C TYR A 247 -0.51 3.76 -10.92
N PHE A 248 0.02 3.05 -9.92
CA PHE A 248 -0.65 1.93 -9.26
C PHE A 248 -2.01 2.39 -8.72
N GLN A 249 -2.01 3.54 -8.05
CA GLN A 249 -3.28 4.05 -7.45
C GLN A 249 -4.30 4.55 -8.51
N VAL A 250 -3.82 5.16 -9.57
CA VAL A 250 -4.64 5.56 -10.67
C VAL A 250 -5.33 4.32 -11.20
N GLN A 251 -4.59 3.23 -11.44
CA GLN A 251 -5.28 1.97 -11.85
C GLN A 251 -6.34 1.50 -10.84
N ASP A 252 -6.01 1.43 -9.56
CA ASP A 252 -6.97 1.09 -8.48
C ASP A 252 -8.23 2.02 -8.57
N ASP A 253 -8.01 3.33 -8.71
CA ASP A 253 -9.16 4.29 -8.86
C ASP A 253 -10.06 3.99 -10.04
N VAL A 254 -9.46 3.66 -11.17
CA VAL A 254 -10.25 3.28 -12.32
C VAL A 254 -11.04 1.97 -12.12
N MET A 255 -10.40 0.96 -11.54
CA MET A 255 -11.10 -0.34 -11.25
C MET A 255 -12.25 -0.23 -10.22
N ASP A 256 -12.12 0.66 -9.25
CA ASP A 256 -13.16 0.84 -8.25
C ASP A 256 -14.50 1.19 -8.91
N CYS A 257 -14.41 2.04 -9.94
CA CYS A 257 -15.58 2.44 -10.72
C CYS A 257 -16.00 1.36 -11.68
N PHE A 258 -15.06 0.84 -12.46
CA PHE A 258 -15.38 0.06 -13.72
C PHE A 258 -15.18 -1.47 -13.72
N THR A 259 -14.48 -2.02 -12.74
CA THR A 259 -14.26 -3.47 -12.64
C THR A 259 -15.42 -4.15 -11.91
N PRO A 260 -16.01 -5.20 -12.54
CA PRO A 260 -17.18 -5.85 -11.90
C PRO A 260 -16.83 -6.36 -10.49
N PRO A 261 -17.80 -6.29 -9.54
CA PRO A 261 -17.46 -6.66 -8.14
C PRO A 261 -16.82 -8.07 -7.88
N GLU A 262 -17.32 -9.14 -8.53
CA GLU A 262 -16.76 -10.52 -8.32
C GLU A 262 -15.26 -10.62 -8.70
N GLN A 263 -14.87 -9.81 -9.70
CA GLN A 263 -13.50 -9.68 -10.16
C GLN A 263 -12.72 -8.69 -9.29
N LEU A 264 -13.35 -7.57 -8.93
CA LEU A 264 -12.76 -6.61 -7.98
C LEU A 264 -12.59 -7.16 -6.52
N GLY A 265 -13.41 -8.14 -6.11
CA GLY A 265 -13.39 -8.66 -4.73
C GLY A 265 -14.14 -7.81 -3.67
N LYS A 266 -14.91 -6.82 -4.15
CA LYS A 266 -15.74 -5.96 -3.33
C LYS A 266 -16.60 -5.11 -4.29
N VAL A 267 -17.57 -4.43 -3.70
CA VAL A 267 -18.42 -3.44 -4.40
C VAL A 267 -17.67 -2.08 -4.20
N GLY A 268 -17.26 -1.41 -5.29
CA GLY A 268 -16.54 -0.12 -5.19
C GLY A 268 -17.56 0.95 -4.80
N THR A 269 -17.23 1.83 -3.86
CA THR A 269 -18.10 2.94 -3.43
C THR A 269 -17.40 4.36 -3.47
N ASP A 270 -16.33 4.52 -4.29
CA ASP A 270 -15.63 5.85 -4.32
C ASP A 270 -16.52 7.04 -4.68
N ILE A 271 -17.46 6.79 -5.60
CA ILE A 271 -18.41 7.83 -6.03
C ILE A 271 -19.32 8.23 -4.85
N GLU A 272 -19.96 7.23 -4.24
CA GLU A 272 -20.83 7.47 -3.06
C GLU A 272 -20.09 8.09 -1.90
N ASP A 273 -18.84 7.66 -1.73
CA ASP A 273 -17.99 8.24 -0.65
C ASP A 273 -17.35 9.57 -1.00
N ALA A 274 -17.63 10.10 -2.22
CA ALA A 274 -17.10 11.40 -2.74
C ALA A 274 -15.56 11.50 -2.73
N LYS A 275 -14.96 10.37 -3.03
CA LYS A 275 -13.47 10.34 -3.00
C LYS A 275 -12.85 11.23 -4.11
N CYS A 276 -11.70 11.86 -3.80
CA CYS A 276 -10.93 12.52 -4.78
C CYS A 276 -10.21 11.45 -5.58
N SER A 277 -10.87 10.85 -6.55
CA SER A 277 -10.27 9.79 -7.37
C SER A 277 -9.68 10.44 -8.66
N TRP A 278 -8.86 9.68 -9.38
CA TRP A 278 -8.29 10.17 -10.60
C TRP A 278 -9.39 10.50 -11.64
N LEU A 279 -10.40 9.66 -11.63
CA LEU A 279 -11.56 9.84 -12.49
C LEU A 279 -12.30 11.12 -12.25
N ALA A 280 -12.63 11.42 -11.02
CA ALA A 280 -13.26 12.72 -10.70
C ALA A 280 -12.37 13.93 -11.11
N VAL A 281 -11.09 13.91 -10.72
CA VAL A 281 -10.22 15.01 -10.98
C VAL A 281 -10.07 15.22 -12.54
N THR A 282 -9.85 14.14 -13.28
CA THR A 282 -9.60 14.18 -14.72
C THR A 282 -10.90 14.66 -15.42
N PHE A 283 -12.05 14.17 -14.93
CA PHE A 283 -13.33 14.58 -15.49
C PHE A 283 -13.51 16.08 -15.32
N LEU A 284 -13.25 16.58 -14.13
CA LEU A 284 -13.34 18.02 -13.88
C LEU A 284 -12.37 18.89 -14.65
N GLY A 285 -11.21 18.32 -15.01
CA GLY A 285 -10.23 19.01 -15.77
C GLY A 285 -10.63 19.21 -17.26
N LYS A 286 -11.68 18.56 -17.71
CA LYS A 286 -12.05 18.65 -19.13
C LYS A 286 -13.53 18.94 -19.37
N ALA A 287 -14.33 18.98 -18.30
CA ALA A 287 -15.77 19.15 -18.42
C ALA A 287 -16.18 20.57 -18.82
N ASN A 288 -17.33 20.72 -19.53
CA ASN A 288 -17.92 22.08 -19.74
C ASN A 288 -18.84 22.40 -18.56
N ALA A 289 -19.44 23.61 -18.59
CA ALA A 289 -20.18 24.12 -17.46
C ALA A 289 -21.34 23.20 -17.06
N ALA A 290 -22.06 22.69 -18.05
CA ALA A 290 -23.23 21.88 -17.78
C ALA A 290 -22.85 20.52 -17.19
N GLN A 291 -21.78 19.93 -17.71
CA GLN A 291 -21.21 18.66 -17.18
C GLN A 291 -20.74 18.78 -15.68
N VAL A 292 -20.10 19.89 -15.36
CA VAL A 292 -19.66 20.17 -13.99
C VAL A 292 -20.88 20.31 -13.08
N ALA A 293 -21.93 20.95 -13.55
CA ALA A 293 -23.15 21.11 -12.73
C ALA A 293 -23.86 19.77 -12.47
N GLU A 294 -23.90 18.93 -13.49
CA GLU A 294 -24.50 17.62 -13.36
C GLU A 294 -23.66 16.71 -12.44
N PHE A 295 -22.33 16.75 -12.61
CA PHE A 295 -21.47 16.07 -11.65
C PHE A 295 -21.78 16.55 -10.20
N LYS A 296 -21.78 17.86 -9.98
CA LYS A 296 -22.03 18.35 -8.59
C LYS A 296 -23.39 17.88 -8.06
N ALA A 297 -24.39 17.79 -8.91
CA ALA A 297 -25.72 17.39 -8.41
C ALA A 297 -25.81 15.90 -8.08
N ASN A 298 -24.83 15.09 -8.49
CA ASN A 298 -24.93 13.65 -8.36
C ASN A 298 -23.81 12.98 -7.50
N TYR A 299 -22.66 13.65 -7.33
CA TYR A 299 -21.52 13.01 -6.67
C TYR A 299 -21.76 12.91 -5.15
N GLY A 300 -21.25 11.81 -4.59
CA GLY A 300 -21.17 11.66 -3.13
C GLY A 300 -22.50 11.30 -2.49
N GLU A 301 -23.34 10.63 -3.27
CA GLU A 301 -24.72 10.30 -2.87
C GLU A 301 -24.87 8.82 -2.99
N LYS A 302 -25.54 8.21 -2.03
CA LYS A 302 -25.74 6.74 -2.08
C LYS A 302 -26.78 6.31 -3.09
N ASP A 303 -27.78 7.14 -3.36
CA ASP A 303 -28.78 6.85 -4.43
C ASP A 303 -28.16 6.23 -5.74
N PRO A 304 -28.42 4.93 -6.01
CA PRO A 304 -27.82 4.29 -7.18
C PRO A 304 -28.10 4.93 -8.49
N ALA A 305 -29.25 5.58 -8.64
CA ALA A 305 -29.50 6.35 -9.92
C ALA A 305 -28.51 7.54 -10.07
N LYS A 306 -28.13 8.16 -8.95
CA LYS A 306 -27.19 9.29 -9.02
C LYS A 306 -25.77 8.78 -9.27
N VAL A 307 -25.45 7.63 -8.66
CA VAL A 307 -24.20 6.96 -8.97
C VAL A 307 -24.14 6.59 -10.46
N ALA A 308 -25.22 6.04 -11.04
CA ALA A 308 -25.21 5.71 -12.47
C ALA A 308 -25.06 6.95 -13.32
N VAL A 309 -25.61 8.09 -12.91
CA VAL A 309 -25.40 9.37 -13.62
C VAL A 309 -23.88 9.76 -13.67
N VAL A 310 -23.19 9.58 -12.54
CA VAL A 310 -21.73 9.93 -12.49
C VAL A 310 -20.94 9.01 -13.42
N LYS A 311 -21.27 7.71 -13.43
CA LYS A 311 -20.56 6.73 -14.29
C LYS A 311 -20.79 7.04 -15.73
N ARG A 312 -22.02 7.47 -16.00
CA ARG A 312 -22.40 7.92 -17.34
C ARG A 312 -21.60 9.14 -17.74
N LEU A 313 -21.44 10.11 -16.84
CA LEU A 313 -20.64 11.27 -17.21
C LEU A 313 -19.17 10.88 -17.56
N TYR A 314 -18.61 9.98 -16.76
CA TYR A 314 -17.22 9.54 -16.94
C TYR A 314 -17.09 8.79 -18.27
N SER A 315 -18.03 7.89 -18.55
CA SER A 315 -18.09 7.21 -19.89
C SER A 315 -18.12 8.19 -21.05
N LYS A 316 -19.12 9.06 -21.12
CA LYS A 316 -19.21 10.03 -22.21
C LYS A 316 -17.97 10.89 -22.35
N ALA A 317 -17.20 11.09 -21.25
CA ALA A 317 -16.09 12.05 -21.24
C ALA A 317 -14.74 11.52 -21.82
N ASN A 318 -14.73 10.24 -22.17
CA ASN A 318 -13.57 9.62 -22.84
C ASN A 318 -12.29 9.65 -21.97
N LEU A 319 -12.49 9.25 -20.72
CA LEU A 319 -11.44 9.23 -19.77
C LEU A 319 -10.36 8.20 -20.13
N GLN A 320 -10.71 7.16 -20.88
CA GLN A 320 -9.74 6.16 -21.41
C GLN A 320 -8.62 6.79 -22.22
N ALA A 321 -8.93 7.88 -22.90
CA ALA A 321 -7.91 8.61 -23.68
C ALA A 321 -6.97 9.38 -22.76
N ASP A 322 -7.51 9.99 -21.72
CA ASP A 322 -6.63 10.75 -20.82
C ASP A 322 -5.79 9.68 -20.10
N PHE A 323 -6.36 8.48 -19.87
CA PHE A 323 -5.62 7.41 -19.16
C PHE A 323 -4.43 6.92 -20.02
N ALA A 324 -4.70 6.66 -21.30
CA ALA A 324 -3.62 6.21 -22.21
C ALA A 324 -2.53 7.25 -22.29
N ALA A 325 -2.90 8.52 -22.33
CA ALA A 325 -1.93 9.64 -22.34
C ALA A 325 -1.13 9.71 -21.03
N TYR A 326 -1.82 9.54 -19.90
CA TYR A 326 -1.12 9.51 -18.61
C TYR A 326 -0.09 8.38 -18.59
N GLU A 327 -0.56 7.21 -18.99
CA GLU A 327 0.19 5.98 -19.02
C GLU A 327 1.41 6.11 -19.87
N ALA A 328 1.20 6.64 -21.07
CA ALA A 328 2.36 6.99 -21.93
C ALA A 328 3.46 7.82 -21.32
N GLU A 329 3.09 8.92 -20.69
CA GLU A 329 3.99 9.77 -19.98
C GLU A 329 4.69 9.08 -18.76
N VAL A 330 3.94 8.31 -17.97
CA VAL A 330 4.59 7.54 -16.89
C VAL A 330 5.60 6.50 -17.49
N VAL A 331 5.21 5.80 -18.54
CA VAL A 331 6.21 4.86 -19.20
C VAL A 331 7.51 5.59 -19.53
N ARG A 332 7.34 6.79 -20.06
CA ARG A 332 8.44 7.63 -20.39
C ARG A 332 9.34 8.05 -19.25
N GLU A 333 8.73 8.47 -18.14
CA GLU A 333 9.48 9.01 -17.04
C GLU A 333 10.18 7.87 -16.24
N VAL A 334 9.48 6.75 -16.16
CA VAL A 334 9.99 5.56 -15.43
C VAL A 334 11.22 5.01 -16.17
N GLU A 335 11.11 4.86 -17.49
CA GLU A 335 12.28 4.39 -18.31
C GLU A 335 13.41 5.33 -18.15
N SER A 336 13.14 6.63 -18.06
CA SER A 336 14.21 7.64 -17.79
C SER A 336 14.89 7.47 -16.43
N LEU A 337 14.05 7.27 -15.42
CA LEU A 337 14.59 7.03 -14.07
C LEU A 337 15.36 5.72 -14.00
N ILE A 338 14.86 4.68 -14.62
CA ILE A 338 15.63 3.46 -14.61
C ILE A 338 17.04 3.69 -15.21
N GLU A 339 17.07 4.48 -16.29
CA GLU A 339 18.38 4.77 -16.89
C GLU A 339 19.29 5.45 -15.98
N GLN A 340 18.79 6.47 -15.26
CA GLN A 340 19.60 7.18 -14.31
C GLN A 340 20.11 6.12 -13.23
N LEU A 341 19.30 5.11 -12.90
CA LEU A 341 19.66 4.06 -11.83
C LEU A 341 20.79 3.16 -12.28
N LYS A 342 20.81 2.85 -13.58
CA LYS A 342 21.94 2.07 -14.20
C LYS A 342 23.34 2.62 -14.02
N VAL A 343 23.49 3.92 -13.81
CA VAL A 343 24.80 4.54 -13.64
C VAL A 343 25.52 4.01 -12.39
N LYS A 344 24.78 3.82 -11.30
CA LYS A 344 25.36 3.25 -10.05
C LYS A 344 25.09 1.75 -9.92
N SER A 345 23.99 1.22 -10.43
CA SER A 345 23.70 -0.19 -10.28
C SER A 345 22.76 -0.74 -11.30
N PRO A 346 23.32 -1.45 -12.28
CA PRO A 346 22.45 -2.21 -13.18
C PRO A 346 21.54 -3.24 -12.54
N THR A 347 22.05 -3.88 -11.49
CA THR A 347 21.27 -4.82 -10.76
C THR A 347 20.04 -4.14 -10.14
N PHE A 348 20.27 -3.04 -9.47
CA PHE A 348 19.11 -2.39 -8.77
C PHE A 348 18.13 -1.86 -9.82
N ALA A 349 18.70 -1.26 -10.87
CA ALA A 349 17.84 -0.76 -11.98
C ALA A 349 16.99 -1.87 -12.54
N GLU A 350 17.56 -3.07 -12.63
CA GLU A 350 16.78 -4.19 -13.14
C GLU A 350 15.65 -4.58 -12.19
N SER A 351 15.90 -4.52 -10.88
CA SER A 351 14.86 -4.84 -9.93
C SER A 351 13.67 -3.86 -10.05
N VAL A 352 14.00 -2.57 -10.21
CA VAL A 352 13.03 -1.49 -10.45
C VAL A 352 12.29 -1.75 -11.74
N ALA A 353 13.03 -2.16 -12.78
CA ALA A 353 12.36 -2.62 -14.01
C ALA A 353 11.32 -3.70 -13.79
N VAL A 354 11.62 -4.70 -12.95
CA VAL A 354 10.73 -5.76 -12.70
C VAL A 354 9.48 -5.29 -11.93
N VAL A 355 9.68 -4.48 -10.91
CA VAL A 355 8.60 -3.85 -10.17
C VAL A 355 7.69 -3.07 -11.12
N TRP A 356 8.29 -2.26 -11.99
CA TRP A 356 7.47 -1.55 -13.02
C TRP A 356 6.67 -2.52 -13.89
N GLU A 357 7.27 -3.63 -14.34
CA GLU A 357 6.56 -4.54 -15.27
C GLU A 357 5.37 -5.16 -14.57
N LYS A 358 5.55 -5.57 -13.32
CA LYS A 358 4.50 -6.17 -12.55
C LYS A 358 3.36 -5.19 -12.28
N THR A 359 3.67 -3.91 -12.17
CA THR A 359 2.66 -2.88 -11.98
C THR A 359 1.87 -2.59 -13.28
N HIS A 360 2.62 -2.29 -14.32
CA HIS A 360 2.14 -1.86 -15.68
C HIS A 360 1.23 -2.93 -16.33
N LYS A 361 1.49 -4.20 -16.09
CA LYS A 361 0.78 -5.30 -16.77
C LYS A 361 -0.24 -6.11 -15.92
N ARG A 362 -0.45 -5.80 -14.63
CA ARG A 362 -1.24 -6.69 -13.71
C ARG A 362 -2.65 -7.16 -14.17
S SO4 B . -1.02 -7.56 -2.62
O1 SO4 B . -1.91 -8.63 -3.23
O2 SO4 B . -1.36 -7.38 -1.11
O3 SO4 B . -1.26 -6.25 -3.28
O4 SO4 B . 0.35 -8.14 -2.98
S SO4 C . 13.97 -11.61 21.79
O1 SO4 C . 15.16 -11.76 22.67
O2 SO4 C . 13.04 -12.69 22.26
O3 SO4 C . 13.41 -10.31 22.09
O4 SO4 C . 14.62 -11.71 20.47
C ACT D . 13.46 13.04 -15.17
O ACT D . 14.16 12.01 -14.94
OXT ACT D . 13.95 14.20 -15.10
CH3 ACT D . 11.99 12.86 -15.52
ZN ZN E . -9.94 4.32 3.47
ZN ZN F . -9.55 2.20 -4.13
N1 LVD G . 7.99 13.22 2.86
C4 LVD G . 11.85 9.95 4.40
C5 LVD G . 12.76 8.89 4.12
C6 LVD G . 9.53 10.77 4.80
C7 LVD G . 8.94 12.61 2.10
N LVD G . 9.98 11.90 2.74
C LVD G . 12.30 7.62 3.92
O LVD G . 9.92 12.02 4.13
C1 LVD G . 10.90 7.38 4.01
C2 LVD G . 10.02 8.42 4.28
C3 LVD G . 10.51 9.70 4.48
O1 LVD G . 8.92 12.59 0.88
#